data_5NOI
#
_entry.id   5NOI
#
_cell.length_a   99.749
_cell.length_b   99.749
_cell.length_c   123.465
_cell.angle_alpha   90.00
_cell.angle_beta   90.00
_cell.angle_gamma   90.00
#
_symmetry.space_group_name_H-M   'I 41 2 2'
#
loop_
_entity.id
_entity.type
_entity.pdbx_description
1 polymer 'Roundabout homolog 2'
2 water water
#
_entity_poly.entity_id   1
_entity_poly.type   'polypeptide(L)'
_entity_poly.pdbx_seq_one_letter_code
;RAPPQFVVRPRDQIVAQGRTVTFPCETKGNPQPAVFWQKEGSQNLLFPNQPQQPNSRCSVSPTGDLTITNIQRSDAGYYI
CQALTVAGSILAKAQLEVTDVLTDRPPPIILQGPAMQTLAVDGTALLKCKATGDPLPVISWLKEGFTFPGRDPRATIQEQ
GTLQIKNLRISDTGTYTCVATSSSGETSWSAVLDVTESGKL
;
_entity_poly.pdbx_strand_id   A
#
# COMPACT_ATOMS: atom_id res chain seq x y z
N ARG A 1 33.36 1.73 22.83
CA ARG A 1 32.90 0.87 23.91
C ARG A 1 31.49 0.26 23.71
N ALA A 2 30.75 0.74 22.71
CA ALA A 2 29.40 0.25 22.43
C ALA A 2 29.27 -0.12 20.97
N PRO A 3 29.09 -1.39 20.62
CA PRO A 3 29.09 -1.82 19.22
C PRO A 3 28.03 -1.07 18.41
N PRO A 4 28.26 -0.90 17.11
CA PRO A 4 27.24 -0.27 16.28
C PRO A 4 26.01 -1.16 16.19
N GLN A 5 24.85 -0.49 16.11
CA GLN A 5 23.55 -1.11 15.98
C GLN A 5 22.71 -0.24 15.06
N PHE A 6 21.75 -0.88 14.40
CA PHE A 6 20.80 -0.19 13.53
C PHE A 6 19.64 0.39 14.31
N VAL A 7 19.33 1.66 14.05
CA VAL A 7 18.07 2.25 14.49
C VAL A 7 17.00 2.09 13.41
N VAL A 8 17.32 2.45 12.18
CA VAL A 8 16.43 2.24 11.06
C VAL A 8 17.24 1.60 9.95
N ARG A 9 16.93 0.35 9.63
CA ARG A 9 17.57 -0.32 8.51
C ARG A 9 16.87 0.11 7.22
N PRO A 10 17.57 0.00 6.09
CA PRO A 10 16.91 0.24 4.80
C PRO A 10 16.10 -0.98 4.38
N ARG A 11 15.04 -0.71 3.63
CA ARG A 11 14.17 -1.76 3.10
C ARG A 11 14.09 -1.70 1.57
N ASP A 12 13.46 -2.71 0.98
CA ASP A 12 13.39 -2.81 -0.47
C ASP A 12 12.50 -1.72 -1.08
N GLN A 13 12.81 -1.33 -2.32
CA GLN A 13 12.02 -0.27 -2.95
C GLN A 13 11.91 -0.55 -4.44
N ILE A 14 10.68 -0.41 -4.95
CA ILE A 14 10.30 -0.50 -6.36
C ILE A 14 9.92 0.90 -6.79
N VAL A 15 10.58 1.52 -7.78
CA VAL A 15 10.12 2.85 -8.18
C VAL A 15 10.39 3.11 -9.66
N ALA A 16 9.56 3.99 -10.23
CA ALA A 16 9.55 4.29 -11.66
C ALA A 16 10.84 4.97 -12.09
N GLN A 17 11.21 4.68 -13.35
CA GLN A 17 12.47 5.19 -13.89
C GLN A 17 12.45 6.71 -13.98
N GLY A 18 13.63 7.28 -13.70
CA GLY A 18 13.79 8.73 -13.67
C GLY A 18 13.52 9.41 -12.34
N ARG A 19 12.81 8.75 -11.41
CA ARG A 19 12.54 9.33 -10.09
C ARG A 19 13.80 9.29 -9.22
N THR A 20 13.69 9.90 -8.04
CA THR A 20 14.77 9.89 -7.04
C THR A 20 14.43 8.92 -5.91
N VAL A 21 15.42 8.13 -5.47
CA VAL A 21 15.22 7.14 -4.41
C VAL A 21 16.17 7.45 -3.25
N THR A 22 15.64 7.34 -2.03
CA THR A 22 16.46 7.52 -0.82
C THR A 22 16.18 6.34 0.11
N PHE A 23 17.23 5.66 0.53
CA PHE A 23 17.29 4.60 1.51
C PHE A 23 17.83 5.13 2.83
N PRO A 24 17.07 5.03 3.92
CA PRO A 24 17.61 5.35 5.24
C PRO A 24 18.58 4.28 5.69
N CYS A 25 19.55 4.68 6.51
CA CYS A 25 20.37 3.71 7.24
C CYS A 25 20.85 4.42 8.48
N GLU A 26 20.01 4.42 9.53
CA GLU A 26 20.26 5.21 10.72
C GLU A 26 20.89 4.31 11.78
N THR A 27 21.81 4.86 12.53
CA THR A 27 22.76 4.03 13.23
C THR A 27 23.07 4.65 14.59
N LYS A 28 23.50 3.80 15.53
CA LYS A 28 23.87 4.27 16.86
C LYS A 28 25.04 3.45 17.39
N GLY A 29 25.75 4.02 18.34
CA GLY A 29 26.84 3.33 18.98
C GLY A 29 27.88 4.31 19.49
N ASN A 30 28.92 3.74 20.08
CA ASN A 30 29.96 4.65 20.54
C ASN A 30 31.29 3.94 20.33
N PRO A 31 32.04 4.64 19.45
CA PRO A 31 31.70 5.93 18.83
C PRO A 31 30.56 5.88 17.82
N GLN A 32 30.04 7.05 17.42
CA GLN A 32 28.93 7.15 16.50
C GLN A 32 29.32 6.57 15.14
N PRO A 33 28.67 5.51 14.68
CA PRO A 33 29.08 4.89 13.41
C PRO A 33 28.83 5.83 12.24
N ALA A 34 29.82 5.89 11.35
CA ALA A 34 29.73 6.64 10.11
C ALA A 34 29.40 5.66 8.99
N VAL A 35 28.17 5.75 8.45
CA VAL A 35 27.70 4.79 7.45
C VAL A 35 28.26 5.15 6.06
N PHE A 36 28.65 4.12 5.32
CA PHE A 36 28.92 4.26 3.88
C PHE A 36 28.17 3.16 3.14
N TRP A 37 28.00 3.36 1.83
CA TRP A 37 27.24 2.43 1.00
C TRP A 37 28.10 1.85 -0.12
N GLN A 38 27.65 0.71 -0.62
CA GLN A 38 28.34 0.02 -1.69
C GLN A 38 27.27 -0.74 -2.47
N LYS A 39 27.15 -0.46 -3.76
CA LYS A 39 26.34 -1.31 -4.61
C LYS A 39 26.94 -2.71 -4.59
N GLU A 40 26.10 -3.73 -4.39
CA GLU A 40 26.66 -5.07 -4.28
C GLU A 40 27.27 -5.49 -5.61
N GLY A 41 28.49 -5.99 -5.56
CA GLY A 41 29.23 -6.33 -6.75
C GLY A 41 30.10 -5.22 -7.29
N SER A 42 29.98 -4.00 -6.77
CA SER A 42 30.74 -2.86 -7.26
C SER A 42 31.93 -2.58 -6.37
N GLN A 43 33.03 -2.14 -7.00
CA GLN A 43 34.20 -1.73 -6.24
C GLN A 43 34.07 -0.33 -5.65
N ASN A 44 33.07 0.44 -6.04
CA ASN A 44 32.96 1.81 -5.59
C ASN A 44 32.33 1.87 -4.21
N LEU A 45 32.97 2.57 -3.29
CA LEU A 45 32.33 2.90 -2.04
C LEU A 45 31.84 4.34 -2.07
N LEU A 46 30.70 4.55 -1.42
CA LEU A 46 30.06 5.87 -1.35
C LEU A 46 30.13 6.38 0.09
N PHE A 47 30.99 7.31 0.33
CA PHE A 47 31.33 7.93 1.60
C PHE A 47 30.55 9.23 1.81
N PRO A 48 30.24 9.53 3.07
CA PRO A 48 29.35 10.68 3.36
C PRO A 48 29.85 12.06 2.94
N ASN A 49 31.08 12.47 3.21
CA ASN A 49 31.42 13.87 2.99
C ASN A 49 32.44 13.99 1.87
N GLN A 50 31.94 14.29 0.66
CA GLN A 50 32.75 14.32 -0.54
C GLN A 50 32.14 15.34 -1.49
N PRO A 51 32.94 15.91 -2.41
CA PRO A 51 32.59 16.87 -3.49
C PRO A 51 31.35 16.65 -4.42
N GLN A 52 30.92 15.44 -4.80
CA GLN A 52 31.65 14.19 -4.71
C GLN A 52 32.20 13.86 -6.10
N GLN A 53 31.33 13.48 -7.05
CA GLN A 53 31.80 13.26 -8.42
C GLN A 53 32.14 14.53 -9.25
N PRO A 54 31.20 15.50 -9.43
CA PRO A 54 29.73 15.68 -9.33
C PRO A 54 28.85 14.89 -10.33
N ASN A 55 29.44 14.29 -11.38
CA ASN A 55 28.67 13.54 -12.36
C ASN A 55 27.92 12.33 -11.79
N SER A 56 28.21 11.91 -10.55
CA SER A 56 27.52 10.76 -9.98
C SER A 56 26.12 11.14 -9.51
N ARG A 57 25.18 10.23 -9.72
CA ARG A 57 23.82 10.39 -9.23
C ARG A 57 23.62 9.83 -7.83
N CYS A 58 24.65 9.25 -7.22
CA CYS A 58 24.60 8.70 -5.87
C CYS A 58 25.26 9.65 -4.88
N SER A 59 24.58 9.94 -3.77
CA SER A 59 25.22 10.62 -2.65
C SER A 59 24.75 10.01 -1.35
N VAL A 60 25.64 10.06 -0.36
CA VAL A 60 25.41 9.57 0.99
C VAL A 60 25.48 10.77 1.92
N SER A 61 24.47 10.94 2.78
CA SER A 61 24.47 12.06 3.70
C SER A 61 25.13 11.64 4.99
N PRO A 62 25.50 12.60 5.85
CA PRO A 62 26.12 12.22 7.12
C PRO A 62 25.17 11.52 8.07
N THR A 63 23.85 11.55 7.82
CA THR A 63 22.89 10.79 8.60
C THR A 63 22.77 9.33 8.13
N GLY A 64 23.36 8.99 6.99
CA GLY A 64 23.40 7.63 6.52
C GLY A 64 22.49 7.35 5.34
N ASP A 65 21.83 8.36 4.82
CA ASP A 65 20.96 8.22 3.67
C ASP A 65 21.74 8.05 2.38
N LEU A 66 21.28 7.13 1.53
CA LEU A 66 21.79 6.98 0.19
C LEU A 66 20.73 7.53 -0.74
N THR A 67 21.03 8.66 -1.37
CA THR A 67 20.15 9.24 -2.38
C THR A 67 20.70 8.92 -3.77
N ILE A 68 19.83 8.40 -4.63
CA ILE A 68 20.13 8.17 -6.04
C ILE A 68 19.10 8.94 -6.83
N THR A 69 19.57 9.85 -7.68
CA THR A 69 18.68 10.68 -8.46
C THR A 69 18.50 10.09 -9.86
N ASN A 70 17.38 10.43 -10.49
CA ASN A 70 17.12 10.11 -11.89
C ASN A 70 17.49 8.65 -12.19
N ILE A 71 16.86 7.74 -11.45
CA ILE A 71 17.30 6.36 -11.53
C ILE A 71 17.03 5.81 -12.92
N GLN A 72 17.98 5.05 -13.44
CA GLN A 72 17.78 4.27 -14.65
C GLN A 72 17.80 2.79 -14.31
N ARG A 73 17.55 1.96 -15.33
CA ARG A 73 17.38 0.55 -15.01
C ARG A 73 18.69 -0.14 -14.63
N SER A 74 19.86 0.43 -14.95
CA SER A 74 21.10 -0.17 -14.49
C SER A 74 21.36 0.03 -13.00
N ASP A 75 20.54 0.84 -12.32
CA ASP A 75 20.77 0.99 -10.89
C ASP A 75 20.10 -0.09 -10.06
N ALA A 76 19.21 -0.90 -10.65
CA ALA A 76 18.56 -2.00 -9.94
C ALA A 76 19.61 -2.96 -9.39
N GLY A 77 19.27 -3.61 -8.28
CA GLY A 77 20.17 -4.50 -7.57
C GLY A 77 20.21 -4.17 -6.10
N TYR A 78 21.19 -4.76 -5.42
CA TYR A 78 21.30 -4.69 -3.97
C TYR A 78 22.33 -3.62 -3.59
N TYR A 79 22.01 -2.87 -2.55
CA TYR A 79 22.84 -1.79 -2.00
C TYR A 79 23.10 -2.06 -0.52
N ILE A 80 24.38 -2.11 -0.15
CA ILE A 80 24.82 -2.50 1.18
C ILE A 80 25.17 -1.25 1.97
N CYS A 81 24.52 -1.04 3.13
CA CYS A 81 24.93 0.03 4.01
C CYS A 81 25.73 -0.56 5.15
N GLN A 82 26.81 0.13 5.50
CA GLN A 82 27.91 -0.46 6.26
C GLN A 82 28.46 0.57 7.25
N ALA A 83 29.06 0.08 8.31
CA ALA A 83 29.63 0.96 9.32
C ALA A 83 30.66 0.18 10.08
N LEU A 84 31.83 0.80 10.29
CA LEU A 84 32.95 0.19 11.02
C LEU A 84 33.45 1.18 12.07
N THR A 85 33.50 0.76 13.34
CA THR A 85 34.12 1.47 14.45
C THR A 85 35.13 0.53 15.09
N VAL A 86 35.89 1.05 16.06
CA VAL A 86 36.72 0.15 16.86
C VAL A 86 35.88 -0.80 17.70
N ALA A 87 34.56 -0.55 17.83
CA ALA A 87 33.67 -1.39 18.63
C ALA A 87 32.99 -2.51 17.85
N GLY A 88 32.76 -2.34 16.54
CA GLY A 88 32.19 -3.42 15.74
C GLY A 88 31.77 -2.96 14.36
N SER A 89 31.21 -3.92 13.61
CA SER A 89 30.68 -3.66 12.27
C SER A 89 29.24 -4.15 12.15
N ILE A 90 28.51 -3.53 11.21
CA ILE A 90 27.15 -3.94 10.85
C ILE A 90 26.94 -3.67 9.35
N LEU A 91 26.29 -4.61 8.67
CA LEU A 91 25.82 -4.32 7.34
C LEU A 91 24.34 -4.66 7.25
N ALA A 92 23.69 -4.02 6.28
CA ALA A 92 22.29 -4.25 5.95
C ALA A 92 22.13 -4.03 4.44
N LYS A 93 21.47 -4.97 3.76
CA LYS A 93 21.20 -4.93 2.33
C LYS A 93 19.77 -4.47 2.07
N ALA A 94 19.57 -3.66 1.03
CA ALA A 94 18.25 -3.36 0.53
C ALA A 94 18.30 -3.37 -0.99
N GLN A 95 17.18 -3.78 -1.60
CA GLN A 95 17.08 -4.06 -3.02
C GLN A 95 16.37 -2.93 -3.73
N LEU A 96 16.96 -2.43 -4.82
CA LEU A 96 16.31 -1.44 -5.67
C LEU A 96 15.79 -2.12 -6.94
N GLU A 97 14.50 -1.98 -7.20
CA GLU A 97 13.85 -2.42 -8.43
C GLU A 97 13.42 -1.22 -9.23
N VAL A 98 13.88 -1.13 -10.47
CA VAL A 98 13.57 -0.02 -11.37
C VAL A 98 12.50 -0.48 -12.35
N THR A 99 11.45 0.31 -12.48
CA THR A 99 10.38 -0.04 -13.39
C THR A 99 10.24 1.02 -14.49
N ASP A 100 9.49 0.65 -15.53
CA ASP A 100 9.01 1.61 -16.52
C ASP A 100 7.97 2.53 -15.90
N VAL A 101 7.77 3.71 -16.51
CA VAL A 101 6.76 4.64 -16.04
C VAL A 101 5.44 4.32 -16.71
N LEU A 102 4.43 4.10 -15.91
CA LEU A 102 3.18 3.79 -16.52
C LEU A 102 2.08 4.56 -15.86
N THR A 103 1.29 5.12 -16.75
CA THR A 103 0.13 5.94 -16.68
C THR A 103 -0.92 4.99 -16.21
N ASP A 104 -0.91 4.37 -15.04
CA ASP A 104 -1.83 3.29 -14.76
C ASP A 104 -2.62 3.82 -13.60
N ARG A 105 -3.90 4.05 -13.80
CA ARG A 105 -4.70 4.53 -12.69
C ARG A 105 -5.15 3.33 -11.92
N PRO A 106 -4.98 3.39 -10.62
CA PRO A 106 -5.31 2.26 -9.74
C PRO A 106 -6.80 1.94 -9.79
N PRO A 107 -7.16 0.71 -9.42
CA PRO A 107 -8.58 0.40 -9.45
C PRO A 107 -9.31 1.01 -8.27
N PRO A 108 -10.64 1.05 -8.32
CA PRO A 108 -11.40 1.61 -7.20
C PRO A 108 -11.08 0.87 -5.91
N ILE A 109 -11.39 1.51 -4.80
CA ILE A 109 -11.20 0.93 -3.47
C ILE A 109 -12.51 1.06 -2.72
N ILE A 110 -12.83 0.04 -1.95
CA ILE A 110 -13.94 0.10 -1.02
C ILE A 110 -13.32 0.25 0.37
N LEU A 111 -13.40 1.47 0.92
CA LEU A 111 -12.80 1.57 2.26
C LEU A 111 -13.72 0.97 3.33
N GLN A 112 -15.05 1.00 3.20
CA GLN A 112 -15.93 0.31 4.13
C GLN A 112 -17.03 -0.35 3.34
N GLY A 113 -17.15 -1.67 3.45
CA GLY A 113 -18.19 -2.38 2.77
C GLY A 113 -19.37 -2.53 3.68
N PRO A 114 -20.40 -3.24 3.23
CA PRO A 114 -21.50 -3.57 4.13
C PRO A 114 -20.97 -4.39 5.29
N ALA A 115 -21.70 -4.35 6.39
CA ALA A 115 -21.37 -5.16 7.54
C ALA A 115 -22.46 -6.19 7.76
N MET A 116 -22.12 -7.25 8.45
CA MET A 116 -23.08 -8.27 8.81
C MET A 116 -24.18 -7.66 9.67
N GLN A 117 -25.43 -7.96 9.35
CA GLN A 117 -26.59 -7.49 10.09
C GLN A 117 -27.58 -8.64 10.20
N THR A 118 -28.09 -8.87 11.40
CA THR A 118 -29.32 -9.63 11.60
C THR A 118 -30.44 -8.64 11.91
N LEU A 119 -31.49 -8.62 11.07
CA LEU A 119 -32.60 -7.70 11.23
C LEU A 119 -33.91 -8.48 11.26
N ALA A 120 -35.01 -7.75 11.48
CA ALA A 120 -36.32 -8.33 11.75
C ALA A 120 -37.25 -8.15 10.55
N VAL A 121 -38.10 -9.16 10.33
CA VAL A 121 -39.04 -9.13 9.21
C VAL A 121 -39.87 -7.86 9.30
N ASP A 122 -40.22 -7.32 8.13
CA ASP A 122 -40.87 -6.11 7.60
C ASP A 122 -40.30 -4.82 8.18
N GLY A 123 -39.00 -4.86 8.42
CA GLY A 123 -38.22 -3.65 8.65
C GLY A 123 -37.55 -3.11 7.40
N THR A 124 -36.62 -2.18 7.63
CA THR A 124 -35.80 -1.60 6.58
C THR A 124 -34.35 -2.03 6.78
N ALA A 125 -33.57 -2.01 5.70
CA ALA A 125 -32.15 -2.32 5.76
C ALA A 125 -31.40 -1.29 4.93
N LEU A 126 -30.34 -0.73 5.52
CA LEU A 126 -29.43 0.05 4.68
C LEU A 126 -28.02 -0.57 4.83
N LEU A 127 -27.75 -1.32 3.77
CA LEU A 127 -26.39 -1.88 3.71
C LEU A 127 -25.49 -0.89 2.98
N LYS A 128 -24.48 -0.50 3.74
CA LYS A 128 -23.68 0.63 3.28
C LYS A 128 -22.55 0.16 2.36
N CYS A 129 -22.05 1.09 1.57
CA CYS A 129 -20.86 0.80 0.77
C CYS A 129 -20.20 2.10 0.32
N LYS A 130 -19.07 2.41 0.95
CA LYS A 130 -18.33 3.63 0.67
C LYS A 130 -17.12 3.27 -0.16
N ALA A 131 -17.13 3.69 -1.43
CA ALA A 131 -16.02 3.49 -2.34
C ALA A 131 -15.33 4.81 -2.65
N THR A 132 -14.07 4.72 -3.10
CA THR A 132 -13.27 5.85 -3.52
C THR A 132 -12.49 5.45 -4.76
N GLY A 133 -12.14 6.44 -5.58
CA GLY A 133 -11.34 6.17 -6.77
C GLY A 133 -11.25 7.35 -7.72
N ASP A 134 -10.23 7.34 -8.58
CA ASP A 134 -10.08 8.35 -9.64
C ASP A 134 -9.65 7.64 -10.96
N PRO A 135 -10.58 7.47 -11.90
CA PRO A 135 -11.98 7.91 -11.98
C PRO A 135 -12.90 7.34 -10.90
N LEU A 136 -14.06 7.98 -10.73
CA LEU A 136 -14.83 7.70 -9.54
C LEU A 136 -15.71 6.47 -9.75
N PRO A 137 -15.70 5.57 -8.78
CA PRO A 137 -16.42 4.30 -8.95
C PRO A 137 -17.92 4.47 -9.00
N VAL A 138 -18.53 3.64 -9.82
CA VAL A 138 -19.96 3.40 -9.78
C VAL A 138 -20.17 2.22 -8.84
N ILE A 139 -21.09 2.36 -7.88
CA ILE A 139 -21.41 1.26 -6.98
C ILE A 139 -22.56 0.50 -7.60
N SER A 140 -22.61 -0.81 -7.35
CA SER A 140 -23.71 -1.65 -7.81
C SER A 140 -23.70 -2.88 -6.92
N TRP A 141 -24.76 -3.70 -7.01
CA TRP A 141 -24.93 -4.72 -6.00
C TRP A 141 -25.29 -6.07 -6.59
N LEU A 142 -25.05 -7.09 -5.79
CA LEU A 142 -25.46 -8.44 -6.12
C LEU A 142 -25.96 -9.14 -4.86
N LYS A 143 -26.87 -10.08 -5.07
CA LYS A 143 -27.38 -10.97 -4.04
C LYS A 143 -27.09 -12.40 -4.48
N GLU A 144 -26.23 -13.11 -3.76
CA GLU A 144 -25.76 -14.46 -4.03
C GLU A 144 -25.34 -14.67 -5.49
N GLY A 145 -24.68 -13.62 -6.01
CA GLY A 145 -24.07 -13.64 -7.31
C GLY A 145 -24.84 -12.87 -8.36
N PHE A 146 -26.16 -12.75 -8.19
CA PHE A 146 -27.03 -12.16 -9.19
C PHE A 146 -27.29 -10.70 -8.87
N THR A 147 -27.56 -9.93 -9.91
CA THR A 147 -27.75 -8.49 -9.76
C THR A 147 -28.88 -8.19 -8.77
N PHE A 148 -28.86 -6.97 -8.23
CA PHE A 148 -29.83 -6.57 -7.22
C PHE A 148 -29.83 -5.05 -7.03
N PRO A 149 -31.02 -4.39 -7.04
CA PRO A 149 -32.41 -4.84 -7.26
C PRO A 149 -32.65 -5.62 -8.55
N ASP A 152 -36.59 -7.09 -8.46
CA ASP A 152 -37.85 -6.88 -7.77
C ASP A 152 -38.11 -5.37 -7.55
N PRO A 153 -39.28 -5.00 -6.96
CA PRO A 153 -39.88 -3.80 -6.35
C PRO A 153 -39.00 -3.08 -5.35
N ARG A 154 -38.97 -3.98 -4.36
CA ARG A 154 -38.78 -3.66 -2.95
C ARG A 154 -37.44 -3.05 -2.60
N ALA A 155 -36.55 -2.78 -3.58
CA ALA A 155 -35.19 -2.39 -3.28
C ALA A 155 -34.71 -1.31 -4.26
N THR A 156 -33.78 -0.47 -3.79
CA THR A 156 -33.24 0.61 -4.59
C THR A 156 -31.92 1.13 -4.01
N ILE A 157 -30.95 1.36 -4.90
CA ILE A 157 -29.61 1.84 -4.57
C ILE A 157 -29.64 3.37 -4.45
N GLN A 158 -29.12 3.89 -3.34
CA GLN A 158 -29.16 5.30 -3.00
C GLN A 158 -28.07 6.08 -3.73
N GLU A 159 -27.84 7.31 -3.28
CA GLU A 159 -26.95 8.03 -4.19
C GLU A 159 -25.50 8.01 -3.72
N GLN A 160 -25.14 7.77 -2.47
CA GLN A 160 -23.85 7.43 -1.86
C GLN A 160 -23.46 5.98 -2.10
N GLY A 161 -24.41 5.14 -2.49
CA GLY A 161 -24.14 3.75 -2.80
C GLY A 161 -24.80 2.74 -1.89
N THR A 162 -25.48 3.17 -0.83
CA THR A 162 -26.11 2.18 0.05
C THR A 162 -27.31 1.55 -0.63
N LEU A 163 -27.38 0.22 -0.59
CA LEU A 163 -28.58 -0.49 -0.98
C LEU A 163 -29.65 -0.28 0.09
N GLN A 164 -30.90 -0.24 -0.34
CA GLN A 164 -32.08 0.02 0.47
C GLN A 164 -33.13 -1.04 0.17
N ILE A 165 -33.47 -1.93 1.09
CA ILE A 165 -34.41 -3.03 1.00
C ILE A 165 -35.52 -2.76 2.01
N LYS A 166 -36.82 -2.81 1.66
CA LYS A 166 -37.71 -2.66 2.79
C LYS A 166 -38.70 -3.81 2.86
N ASN A 167 -39.28 -3.88 4.05
CA ASN A 167 -40.09 -4.97 4.58
C ASN A 167 -39.49 -6.32 4.20
N LEU A 168 -38.45 -6.61 4.98
CA LEU A 168 -37.67 -7.83 4.86
C LEU A 168 -38.58 -9.06 5.01
N ARG A 169 -38.04 -10.22 4.69
CA ARG A 169 -38.65 -11.47 5.11
C ARG A 169 -37.58 -12.55 5.02
N ILE A 170 -37.95 -13.75 5.46
CA ILE A 170 -36.96 -14.82 5.59
C ILE A 170 -36.31 -15.16 4.24
N SER A 171 -36.93 -14.80 3.12
CA SER A 171 -36.41 -14.98 1.77
C SER A 171 -35.18 -14.13 1.49
N ASP A 172 -35.17 -12.91 2.06
CA ASP A 172 -34.14 -11.90 1.84
C ASP A 172 -32.84 -12.18 2.62
N THR A 173 -32.71 -13.31 3.30
CA THR A 173 -31.39 -13.56 3.86
C THR A 173 -30.40 -13.90 2.75
N GLY A 174 -29.15 -14.10 3.15
CA GLY A 174 -28.08 -14.43 2.23
C GLY A 174 -27.04 -13.32 2.15
N THR A 175 -26.07 -13.56 1.28
CA THR A 175 -24.88 -12.73 1.08
C THR A 175 -25.15 -11.63 0.06
N TYR A 176 -24.86 -10.38 0.41
CA TYR A 176 -25.00 -9.23 -0.47
C TYR A 176 -23.61 -8.67 -0.75
N THR A 177 -23.30 -8.46 -2.03
CA THR A 177 -21.97 -8.05 -2.44
C THR A 177 -22.01 -6.65 -3.01
N CYS A 178 -21.28 -5.73 -2.38
CA CYS A 178 -21.01 -4.44 -2.97
C CYS A 178 -19.95 -4.57 -4.06
N VAL A 179 -20.07 -3.74 -5.11
CA VAL A 179 -19.19 -3.80 -6.27
C VAL A 179 -18.92 -2.37 -6.72
N ALA A 180 -17.65 -1.96 -6.67
CA ALA A 180 -17.23 -0.67 -7.16
C ALA A 180 -16.40 -0.88 -8.42
N THR A 181 -16.79 -0.21 -9.50
CA THR A 181 -16.21 -0.43 -10.83
C THR A 181 -15.92 0.90 -11.48
N SER A 182 -14.84 0.94 -12.27
CA SER A 182 -14.51 2.14 -13.04
C SER A 182 -13.66 1.75 -14.24
N SER A 183 -13.24 2.75 -15.02
CA SER A 183 -12.48 2.49 -16.25
C SER A 183 -11.12 1.88 -15.92
N SER A 184 -10.83 1.69 -14.65
CA SER A 184 -9.53 1.23 -14.21
C SER A 184 -9.56 -0.06 -13.41
N GLY A 185 -10.73 -0.58 -13.07
CA GLY A 185 -10.81 -1.83 -12.34
C GLY A 185 -12.16 -2.02 -11.69
N GLU A 186 -12.30 -3.19 -11.04
CA GLU A 186 -13.42 -3.49 -10.17
C GLU A 186 -12.88 -3.94 -8.81
N THR A 187 -13.68 -3.72 -7.78
CA THR A 187 -13.44 -4.41 -6.53
C THR A 187 -14.79 -4.71 -5.89
N SER A 188 -14.79 -5.67 -4.97
CA SER A 188 -16.01 -6.12 -4.33
C SER A 188 -15.80 -6.34 -2.83
N TRP A 189 -16.90 -6.32 -2.06
CA TRP A 189 -16.84 -6.48 -0.60
C TRP A 189 -18.18 -7.07 -0.15
N SER A 190 -18.16 -8.26 0.44
CA SER A 190 -19.38 -8.99 0.75
C SER A 190 -19.71 -8.93 2.25
N ALA A 191 -20.93 -9.33 2.57
CA ALA A 191 -21.49 -9.32 3.92
C ALA A 191 -22.79 -10.10 3.91
N VAL A 192 -23.03 -10.87 4.97
CA VAL A 192 -24.27 -11.62 5.07
C VAL A 192 -25.31 -10.82 5.84
N LEU A 193 -26.55 -10.89 5.36
CA LEU A 193 -27.68 -10.26 6.04
C LEU A 193 -28.73 -11.32 6.30
N ASP A 194 -28.99 -11.55 7.59
CA ASP A 194 -29.99 -12.53 8.03
C ASP A 194 -31.28 -11.81 8.40
N VAL A 195 -32.41 -12.44 8.09
CA VAL A 195 -33.75 -11.93 8.38
C VAL A 195 -34.49 -12.96 9.22
N THR A 196 -34.72 -12.68 10.51
CA THR A 196 -35.62 -13.39 11.41
C THR A 196 -36.86 -12.53 11.66
N GLU A 197 -37.93 -13.15 12.16
CA GLU A 197 -39.03 -12.36 12.71
C GLU A 197 -38.60 -11.68 13.99
N SER A 198 -37.65 -12.29 14.71
CA SER A 198 -37.14 -11.71 15.95
C SER A 198 -36.31 -10.46 15.70
N GLY A 199 -35.33 -10.56 14.80
CA GLY A 199 -34.39 -9.46 14.60
C GLY A 199 -33.28 -9.41 15.62
N LYS A 200 -32.97 -10.53 16.27
CA LYS A 200 -31.96 -10.59 17.31
C LYS A 200 -31.39 -12.01 17.42
#